data_2O2N
#
_entry.id   2O2N
#
loop_
_entity.id
_entity.type
_entity.pdbx_description
1 polymer 'Apoptosis regulator Bcl-X'
2 non-polymer 4-[4-(BIPHENYL-2-YLMETHYL)PIPERAZIN-1-YL]-N-[(4-{[1,1-DIMETHYL-2-(PHENYLTHIO)ETHYL]AMINO}-3-NITROPHENYL)SULFONYL]BENZAMIDE
#
_entity_poly.entity_id   1
_entity_poly.type   'polypeptide(L)'
_entity_poly.pdbx_seq_one_letter_code
;SQSNRELVVDFLSYKLSQKGYSAGGGGGGGGMAAVKQALREAGDEFELRYRRAFSDLTSQLHITPGTAYQSFEQVVNELF
RDGVNWGRIVAFFSFGGALCVESVDKEMQVLVSRIAAWMATYLNDHLEPWIQENGGWDTFVELYG
;
_entity_poly.pdbx_strand_id   A
#
loop_
_chem_comp.id
_chem_comp.type
_chem_comp.name
_chem_comp.formula
LIW non-polymer 4-[4-(BIPHENYL-2-YLMETHYL)PIPERAZIN-1-YL]-N-[(4-{[1,1-DIMETHYL-2-(PHENYLTHIO)ETHYL]AMINO}-3-NITROPHENYL)SULFONYL]BENZAMIDE 'C40 H41 N5 O5 S2'
#
# COMPACT_ATOMS: atom_id res chain seq x y z
N SER A 1 4.46 10.88 -9.04
CA SER A 1 5.03 11.91 -8.16
C SER A 1 5.83 11.29 -7.02
N GLN A 2 7.00 11.86 -6.74
CA GLN A 2 7.86 11.35 -5.67
C GLN A 2 7.11 11.30 -4.35
N SER A 3 6.22 12.26 -4.14
CA SER A 3 5.43 12.33 -2.91
C SER A 3 4.82 10.97 -2.59
N ASN A 4 4.12 10.40 -3.57
CA ASN A 4 3.47 9.10 -3.40
C ASN A 4 4.49 8.04 -2.99
N ARG A 5 5.60 7.98 -3.72
CA ARG A 5 6.65 7.01 -3.45
C ARG A 5 7.03 7.04 -1.97
N GLU A 6 7.01 8.23 -1.38
CA GLU A 6 7.36 8.40 0.02
C GLU A 6 6.35 7.69 0.93
N LEU A 7 5.07 7.81 0.57
CA LEU A 7 4.00 7.18 1.34
C LEU A 7 4.15 5.66 1.34
N VAL A 8 4.50 5.10 0.18
CA VAL A 8 4.67 3.67 0.04
C VAL A 8 5.78 3.16 0.96
N VAL A 9 6.95 3.77 0.85
CA VAL A 9 8.10 3.37 1.66
C VAL A 9 7.78 3.50 3.15
N ASP A 10 7.02 4.53 3.50
CA ASP A 10 6.66 4.77 4.89
C ASP A 10 5.65 3.73 5.36
N PHE A 11 4.59 3.54 4.57
CA PHE A 11 3.55 2.58 4.91
C PHE A 11 4.13 1.16 5.00
N LEU A 12 4.93 0.80 4.01
CA LEU A 12 5.54 -0.52 3.97
C LEU A 12 6.40 -0.75 5.22
N SER A 13 7.24 0.23 5.55
CA SER A 13 8.10 0.13 6.71
C SER A 13 7.28 -0.06 7.99
N TYR A 14 6.21 0.72 8.11
CA TYR A 14 5.35 0.64 9.28
C TYR A 14 4.73 -0.76 9.40
N LYS A 15 4.37 -1.34 8.27
CA LYS A 15 3.76 -2.67 8.25
C LYS A 15 4.78 -3.73 8.68
N LEU A 16 6.02 -3.57 8.22
CA LEU A 16 7.08 -4.52 8.55
C LEU A 16 7.48 -4.37 10.02
N SER A 17 7.61 -3.13 10.47
CA SER A 17 7.99 -2.85 11.85
C SER A 17 6.99 -3.46 12.83
N GLN A 18 5.74 -3.53 12.41
CA GLN A 18 4.68 -4.09 13.24
C GLN A 18 4.92 -5.57 13.51
N LYS A 19 5.58 -6.25 12.57
CA LYS A 19 5.85 -7.68 12.70
C LYS A 19 7.28 -7.94 13.20
N GLY A 20 7.90 -6.93 13.80
CA GLY A 20 9.25 -7.09 14.31
C GLY A 20 10.31 -6.67 13.30
N TYR A 21 10.11 -7.02 12.03
CA TYR A 21 11.06 -6.69 10.99
C TYR A 21 11.37 -5.19 10.98
N SER A 22 12.19 -4.77 10.02
CA SER A 22 12.56 -3.36 9.90
C SER A 22 13.03 -3.04 8.50
N ALA A 23 13.07 -1.75 8.16
CA ALA A 23 13.51 -1.31 6.84
C ALA A 23 13.69 0.20 6.79
N GLY A 24 13.92 0.72 5.59
CA GLY A 24 14.11 2.15 5.44
C GLY A 24 12.88 2.95 5.81
N GLY A 25 12.73 3.22 7.11
CA GLY A 25 11.58 3.98 7.58
C GLY A 25 11.44 5.31 6.88
N GLY A 26 10.26 5.91 6.97
CA GLY A 26 10.02 7.19 6.34
C GLY A 26 9.03 8.04 7.10
N GLY A 27 9.08 7.96 8.43
CA GLY A 27 8.17 8.73 9.26
C GLY A 27 8.81 10.01 9.77
N GLY A 28 9.19 10.89 8.85
CA GLY A 28 9.81 12.14 9.24
C GLY A 28 10.72 12.70 8.17
N GLY A 29 11.29 11.81 7.36
CA GLY A 29 12.18 12.24 6.30
C GLY A 29 11.60 13.36 5.46
N GLY A 30 10.78 13.00 4.47
CA GLY A 30 10.17 13.99 3.62
C GLY A 30 9.05 14.75 4.32
N GLY A 31 8.03 15.15 3.55
CA GLY A 31 6.91 15.87 4.12
C GLY A 31 5.65 15.04 4.18
N MET A 32 4.50 15.71 4.18
CA MET A 32 3.22 15.03 4.24
C MET A 32 3.13 14.13 5.48
N ALA A 33 3.69 14.61 6.59
CA ALA A 33 3.67 13.85 7.83
C ALA A 33 2.25 13.48 8.23
N ALA A 34 1.32 14.40 8.01
CA ALA A 34 -0.08 14.17 8.35
C ALA A 34 -0.67 13.03 7.52
N VAL A 35 -0.39 13.06 6.23
CA VAL A 35 -0.89 12.02 5.33
C VAL A 35 -0.39 10.64 5.73
N LYS A 36 0.90 10.55 6.04
CA LYS A 36 1.51 9.28 6.44
C LYS A 36 0.79 8.71 7.67
N GLN A 37 0.62 9.54 8.69
CA GLN A 37 -0.04 9.13 9.92
C GLN A 37 -1.47 8.67 9.63
N ALA A 38 -2.25 9.54 9.01
CA ALA A 38 -3.64 9.23 8.68
C ALA A 38 -3.73 7.91 7.92
N LEU A 39 -2.75 7.66 7.07
CA LEU A 39 -2.72 6.42 6.28
C LEU A 39 -2.47 5.21 7.17
N ARG A 40 -1.40 5.29 7.96
CA ARG A 40 -1.05 4.20 8.88
C ARG A 40 -2.25 3.78 9.70
N GLU A 41 -2.93 4.76 10.30
CA GLU A 41 -4.10 4.48 11.12
C GLU A 41 -5.20 3.84 10.29
N ALA A 42 -5.47 4.40 9.12
CA ALA A 42 -6.50 3.88 8.23
C ALA A 42 -6.21 2.43 7.87
N GLY A 43 -4.93 2.11 7.72
CA GLY A 43 -4.54 0.75 7.38
C GLY A 43 -4.83 -0.24 8.49
N ASP A 44 -4.58 0.18 9.73
CA ASP A 44 -4.82 -0.66 10.88
C ASP A 44 -6.28 -1.11 10.94
N GLU A 45 -7.19 -0.16 10.90
CA GLU A 45 -8.62 -0.44 10.96
C GLU A 45 -9.04 -1.29 9.75
N PHE A 46 -8.36 -1.09 8.63
CA PHE A 46 -8.66 -1.83 7.41
C PHE A 46 -8.71 -3.33 7.67
N GLU A 47 -7.58 -3.87 8.13
CA GLU A 47 -7.49 -5.30 8.43
C GLU A 47 -8.45 -5.70 9.54
N LEU A 48 -8.45 -4.92 10.62
CA LEU A 48 -9.33 -5.20 11.75
C LEU A 48 -10.76 -5.45 11.29
N ARG A 49 -11.40 -4.41 10.75
CA ARG A 49 -12.76 -4.52 10.28
C ARG A 49 -12.87 -5.49 9.11
N TYR A 50 -14.10 -5.79 8.70
CA TYR A 50 -14.33 -6.70 7.58
C TYR A 50 -13.94 -8.13 7.94
N ARG A 51 -14.93 -8.99 8.11
CA ARG A 51 -14.69 -10.38 8.45
C ARG A 51 -13.98 -11.10 7.30
N ARG A 52 -14.71 -11.31 6.21
CA ARG A 52 -14.16 -11.97 5.03
C ARG A 52 -13.51 -10.95 4.09
N ALA A 53 -13.00 -11.43 2.96
CA ALA A 53 -12.37 -10.55 1.99
C ALA A 53 -11.18 -9.82 2.59
N PHE A 54 -10.07 -10.53 2.72
CA PHE A 54 -8.86 -9.94 3.29
C PHE A 54 -7.78 -11.00 3.49
N SER A 55 -8.13 -12.03 4.25
CA SER A 55 -7.18 -13.13 4.52
C SER A 55 -7.01 -14.00 3.29
N ASP A 56 -8.10 -14.17 2.53
CA ASP A 56 -8.07 -14.99 1.33
C ASP A 56 -7.50 -14.21 0.14
N LEU A 57 -7.88 -12.93 0.05
CA LEU A 57 -7.41 -12.07 -1.03
C LEU A 57 -5.89 -12.05 -1.08
N THR A 58 -5.26 -11.79 0.06
CA THR A 58 -3.81 -11.75 0.15
C THR A 58 -3.17 -13.00 -0.46
N SER A 59 -3.85 -14.12 -0.33
CA SER A 59 -3.36 -15.39 -0.86
C SER A 59 -3.51 -15.46 -2.38
N GLN A 60 -4.49 -14.73 -2.91
CA GLN A 60 -4.74 -14.73 -4.35
C GLN A 60 -3.45 -14.58 -5.15
N LEU A 61 -2.56 -13.70 -4.67
CA LEU A 61 -1.29 -13.48 -5.35
C LEU A 61 -0.11 -13.71 -4.41
N HIS A 62 0.81 -14.56 -4.84
CA HIS A 62 2.00 -14.87 -4.06
C HIS A 62 3.26 -14.35 -4.76
N ILE A 63 3.62 -13.10 -4.46
CA ILE A 63 4.78 -12.48 -5.07
C ILE A 63 5.99 -13.40 -5.02
N THR A 64 6.62 -13.61 -6.17
CA THR A 64 7.80 -14.47 -6.27
C THR A 64 8.84 -13.86 -7.20
N PRO A 65 10.11 -14.24 -7.02
CA PRO A 65 11.21 -13.74 -7.85
C PRO A 65 10.90 -13.80 -9.34
N GLY A 66 10.06 -14.74 -9.72
CA GLY A 66 9.69 -14.90 -11.11
C GLY A 66 8.45 -14.10 -11.48
N THR A 67 7.58 -13.88 -10.51
CA THR A 67 6.35 -13.13 -10.73
C THR A 67 6.62 -11.84 -11.49
N ALA A 68 5.67 -11.44 -12.33
CA ALA A 68 5.80 -10.22 -13.11
C ALA A 68 4.87 -9.13 -12.60
N TYR A 69 5.19 -7.88 -12.93
CA TYR A 69 4.38 -6.75 -12.50
C TYR A 69 2.95 -6.88 -12.99
N GLN A 70 2.79 -7.45 -14.19
CA GLN A 70 1.47 -7.63 -14.77
C GLN A 70 0.59 -8.51 -13.88
N SER A 71 1.21 -9.48 -13.21
CA SER A 71 0.48 -10.39 -12.33
C SER A 71 -0.02 -9.65 -11.10
N PHE A 72 0.72 -8.62 -10.67
CA PHE A 72 0.34 -7.84 -9.50
C PHE A 72 -0.72 -6.80 -9.87
N GLU A 73 -0.63 -6.27 -11.07
CA GLU A 73 -1.57 -5.25 -11.54
C GLU A 73 -2.97 -5.83 -11.64
N GLN A 74 -3.06 -7.10 -12.04
CA GLN A 74 -4.35 -7.77 -12.18
C GLN A 74 -5.09 -7.80 -10.84
N VAL A 75 -4.35 -8.08 -9.77
CA VAL A 75 -4.94 -8.13 -8.42
C VAL A 75 -5.43 -6.76 -8.00
N VAL A 76 -4.69 -5.71 -8.38
CA VAL A 76 -5.05 -4.35 -8.03
C VAL A 76 -6.28 -3.90 -8.82
N ASN A 77 -6.34 -4.28 -10.09
CA ASN A 77 -7.46 -3.92 -10.94
C ASN A 77 -8.79 -4.37 -10.31
N GLU A 78 -8.80 -5.59 -9.78
CA GLU A 78 -9.99 -6.13 -9.15
C GLU A 78 -10.43 -5.25 -7.98
N LEU A 79 -9.45 -4.73 -7.25
CA LEU A 79 -9.73 -3.87 -6.11
C LEU A 79 -10.47 -2.61 -6.55
N PHE A 80 -10.04 -2.04 -7.66
CA PHE A 80 -10.66 -0.83 -8.19
C PHE A 80 -11.36 -1.11 -9.51
N ARG A 81 -12.23 -2.12 -9.53
CA ARG A 81 -12.96 -2.48 -10.73
C ARG A 81 -14.28 -1.72 -10.81
N ASP A 82 -14.86 -1.43 -9.64
CA ASP A 82 -16.13 -0.71 -9.58
C ASP A 82 -15.91 0.74 -9.17
N GLY A 83 -14.88 1.36 -9.73
CA GLY A 83 -14.58 2.74 -9.41
C GLY A 83 -13.44 2.87 -8.42
N VAL A 84 -13.20 4.09 -7.95
CA VAL A 84 -12.12 4.35 -7.00
C VAL A 84 -12.58 5.31 -5.91
N ASN A 85 -12.10 5.09 -4.69
CA ASN A 85 -12.47 5.94 -3.57
C ASN A 85 -11.46 5.80 -2.42
N TRP A 86 -11.46 6.77 -1.52
CA TRP A 86 -10.54 6.76 -0.39
C TRP A 86 -10.61 5.43 0.34
N GLY A 87 -11.82 4.89 0.47
CA GLY A 87 -12.01 3.61 1.14
C GLY A 87 -11.18 2.50 0.52
N ARG A 88 -11.31 2.34 -0.79
CA ARG A 88 -10.57 1.31 -1.51
C ARG A 88 -9.09 1.67 -1.62
N ILE A 89 -8.82 2.97 -1.74
CA ILE A 89 -7.44 3.45 -1.87
C ILE A 89 -6.54 2.82 -0.81
N VAL A 90 -7.03 2.80 0.44
CA VAL A 90 -6.26 2.22 1.53
C VAL A 90 -5.98 0.75 1.28
N ALA A 91 -6.93 0.06 0.65
CA ALA A 91 -6.78 -1.36 0.35
C ALA A 91 -5.50 -1.61 -0.46
N PHE A 92 -5.26 -0.75 -1.44
CA PHE A 92 -4.08 -0.87 -2.28
C PHE A 92 -2.82 -1.04 -1.43
N PHE A 93 -2.66 -0.15 -0.45
CA PHE A 93 -1.50 -0.19 0.43
C PHE A 93 -1.54 -1.44 1.32
N SER A 94 -2.62 -1.60 2.07
CA SER A 94 -2.78 -2.74 2.96
C SER A 94 -2.43 -4.04 2.25
N PHE A 95 -2.69 -4.09 0.95
CA PHE A 95 -2.40 -5.28 0.16
C PHE A 95 -0.89 -5.43 -0.06
N GLY A 96 -0.24 -4.32 -0.41
CA GLY A 96 1.20 -4.34 -0.64
C GLY A 96 1.97 -4.74 0.61
N GLY A 97 1.61 -4.14 1.73
CA GLY A 97 2.30 -4.45 2.98
C GLY A 97 2.29 -5.94 3.29
N ALA A 98 1.13 -6.56 3.14
CA ALA A 98 0.99 -7.99 3.41
C ALA A 98 1.99 -8.79 2.57
N LEU A 99 2.12 -8.41 1.30
CA LEU A 99 3.05 -9.10 0.40
C LEU A 99 4.48 -9.00 0.91
N CYS A 100 4.87 -7.80 1.35
CA CYS A 100 6.21 -7.58 1.86
C CYS A 100 6.48 -8.45 3.09
N VAL A 101 5.52 -8.46 4.02
CA VAL A 101 5.65 -9.24 5.23
C VAL A 101 5.84 -10.72 4.90
N GLU A 102 5.16 -11.18 3.86
CA GLU A 102 5.25 -12.57 3.44
C GLU A 102 6.64 -12.87 2.87
N SER A 103 7.12 -11.98 2.01
CA SER A 103 8.43 -12.15 1.39
C SER A 103 9.51 -12.32 2.46
N VAL A 104 9.41 -11.52 3.53
CA VAL A 104 10.38 -11.58 4.61
C VAL A 104 10.33 -12.93 5.32
N ASP A 105 9.11 -13.44 5.53
CA ASP A 105 8.93 -14.72 6.19
C ASP A 105 9.66 -15.83 5.46
N LYS A 106 9.72 -15.72 4.14
CA LYS A 106 10.40 -16.72 3.31
C LYS A 106 11.81 -16.28 2.95
N GLU A 107 12.43 -15.50 3.84
CA GLU A 107 13.78 -15.01 3.61
C GLU A 107 13.93 -14.43 2.21
N MET A 108 13.18 -13.35 1.94
CA MET A 108 13.23 -12.71 0.63
C MET A 108 12.96 -11.21 0.76
N GLN A 109 13.69 -10.55 1.66
CA GLN A 109 13.52 -9.13 1.88
C GLN A 109 13.79 -8.35 0.60
N VAL A 110 14.71 -8.85 -0.22
CA VAL A 110 15.05 -8.21 -1.47
C VAL A 110 13.80 -7.89 -2.29
N LEU A 111 12.80 -8.76 -2.19
CA LEU A 111 11.55 -8.57 -2.92
C LEU A 111 10.82 -7.33 -2.44
N VAL A 112 10.99 -6.98 -1.18
CA VAL A 112 10.35 -5.81 -0.61
C VAL A 112 10.54 -4.58 -1.50
N SER A 113 11.79 -4.31 -1.86
CA SER A 113 12.10 -3.17 -2.73
C SER A 113 11.28 -3.22 -4.00
N ARG A 114 11.14 -4.43 -4.57
CA ARG A 114 10.37 -4.60 -5.79
C ARG A 114 8.93 -4.16 -5.59
N ILE A 115 8.26 -4.74 -4.59
CA ILE A 115 6.88 -4.39 -4.30
C ILE A 115 6.70 -2.88 -4.18
N ALA A 116 7.68 -2.23 -3.55
CA ALA A 116 7.62 -0.78 -3.37
C ALA A 116 7.54 -0.07 -4.72
N ALA A 117 8.39 -0.47 -5.66
CA ALA A 117 8.41 0.12 -6.98
C ALA A 117 7.11 -0.16 -7.72
N TRP A 118 6.68 -1.43 -7.69
CA TRP A 118 5.44 -1.83 -8.35
C TRP A 118 4.27 -0.98 -7.88
N MET A 119 4.28 -0.63 -6.60
CA MET A 119 3.22 0.19 -6.02
C MET A 119 3.32 1.63 -6.53
N ALA A 120 4.51 2.19 -6.47
CA ALA A 120 4.75 3.55 -6.92
C ALA A 120 4.25 3.76 -8.35
N THR A 121 4.56 2.81 -9.22
CA THR A 121 4.15 2.89 -10.61
C THR A 121 2.63 2.93 -10.73
N TYR A 122 1.97 1.89 -10.26
CA TYR A 122 0.51 1.80 -10.31
C TYR A 122 -0.12 3.03 -9.66
N LEU A 123 0.54 3.57 -8.64
CA LEU A 123 0.03 4.74 -7.95
C LEU A 123 0.06 5.98 -8.84
N ASN A 124 1.03 6.04 -9.74
CA ASN A 124 1.15 7.17 -10.66
C ASN A 124 0.67 6.81 -12.06
N ASP A 125 -0.24 5.86 -12.16
CA ASP A 125 -0.78 5.43 -13.45
C ASP A 125 -2.15 4.78 -13.30
N HIS A 126 -2.87 5.12 -12.23
CA HIS A 126 -4.19 4.56 -12.00
C HIS A 126 -4.96 5.37 -10.96
N LEU A 127 -4.40 5.45 -9.76
CA LEU A 127 -5.04 6.19 -8.67
C LEU A 127 -4.63 7.67 -8.70
N GLU A 128 -3.40 7.92 -9.12
CA GLU A 128 -2.89 9.29 -9.19
C GLU A 128 -3.89 10.22 -9.86
N PRO A 129 -4.35 9.87 -11.08
CA PRO A 129 -5.31 10.68 -11.82
C PRO A 129 -6.56 10.99 -10.99
N TRP A 130 -7.07 9.99 -10.30
CA TRP A 130 -8.27 10.16 -9.47
C TRP A 130 -7.96 11.03 -8.26
N ILE A 131 -6.90 10.68 -7.53
CA ILE A 131 -6.51 11.44 -6.35
C ILE A 131 -6.49 12.94 -6.63
N GLN A 132 -6.03 13.30 -7.83
CA GLN A 132 -5.96 14.71 -8.22
C GLN A 132 -7.36 15.29 -8.42
N GLU A 133 -8.31 14.44 -8.81
CA GLU A 133 -9.67 14.88 -9.03
C GLU A 133 -10.55 14.54 -7.84
N ASN A 134 -10.00 14.69 -6.64
CA ASN A 134 -10.74 14.40 -5.41
C ASN A 134 -10.17 15.16 -4.22
N GLY A 135 -9.66 16.36 -4.49
CA GLY A 135 -9.09 17.17 -3.43
C GLY A 135 -7.74 16.64 -2.95
N GLY A 136 -7.02 15.98 -3.85
CA GLY A 136 -5.71 15.45 -3.51
C GLY A 136 -5.77 14.60 -2.25
N TRP A 137 -4.61 14.44 -1.60
CA TRP A 137 -4.53 13.66 -0.37
C TRP A 137 -4.99 14.47 0.84
N ASP A 138 -4.78 15.77 0.78
CA ASP A 138 -5.18 16.67 1.87
C ASP A 138 -6.61 16.37 2.32
N THR A 139 -7.43 15.92 1.39
CA THR A 139 -8.83 15.61 1.69
C THR A 139 -8.93 14.31 2.47
N PHE A 140 -8.11 13.33 2.11
CA PHE A 140 -8.11 12.04 2.78
C PHE A 140 -7.85 12.19 4.28
N VAL A 141 -7.02 13.18 4.63
CA VAL A 141 -6.70 13.43 6.03
C VAL A 141 -7.78 14.24 6.71
N GLU A 142 -8.34 15.21 5.99
CA GLU A 142 -9.40 16.06 6.54
C GLU A 142 -10.64 15.23 6.85
N LEU A 143 -10.90 14.21 6.05
CA LEU A 143 -12.06 13.35 6.25
C LEU A 143 -11.69 12.12 7.07
N TYR A 144 -10.55 11.53 6.74
CA TYR A 144 -10.08 10.34 7.46
C TYR A 144 -8.65 10.53 7.95
N GLY A 145 -8.51 10.99 9.19
CA GLY A 145 -7.20 11.21 9.75
C GLY A 145 -7.24 11.63 11.21
C LIW B . -15.04 -2.13 1.85
C1 LIW B . -14.15 -2.12 0.71
C2 LIW B . -13.77 -0.84 0.19
C3 LIW B . -14.24 0.34 0.77
C4 LIW B . -15.12 0.32 1.89
C5 LIW B . -15.53 -0.95 2.42
N LIW B . -13.62 -3.38 0.12
C6 LIW B . -15.66 1.56 2.54
N1 LIW B . -15.28 2.74 2.05
S LIW B . -15.78 4.23 2.65
C7 LIW B . -14.90 4.41 4.14
C8 LIW B . -12.26 -3.38 -0.58
C9 LIW B . -12.07 -4.37 -1.76
N2 LIW B . -12.97 -5.67 -1.82
C10 LIW B . -14.33 -5.60 -1.03
C11 LIW B . -14.39 -4.68 0.22
C12 LIW B . -12.19 -6.86 -1.35
O LIW B . -16.42 1.55 3.51
O1 LIW B . -15.29 5.26 1.56
O2 LIW B . -17.34 4.25 2.84
C13 LIW B . -13.54 4.74 4.04
C14 LIW B . -12.76 4.91 5.22
C15 LIW B . -13.40 4.73 6.49
C16 LIW B . -14.79 4.39 6.56
C17 LIW B . -15.54 4.23 5.37
N3 LIW B . -11.30 5.27 5.01
O3 LIW B . -10.81 5.40 3.89
O4 LIW B . -10.54 5.43 5.96
N4 LIW B . -12.60 4.89 7.70
C18 LIW B . -12.90 4.78 9.14
C19 LIW B . -13.97 5.84 9.48
C20 LIW B . -13.40 3.35 9.41
S1 LIW B . -12.38 1.94 8.80
C21 LIW B . -12.24 1.57 7.10
C22 LIW B . -11.16 2.13 6.37
C23 LIW B . -11.03 1.84 4.99
C24 LIW B . -11.98 1.01 4.34
C25 LIW B . -13.07 0.45 5.08
C26 LIW B . -13.20 0.73 6.46
C27 LIW B . -11.56 5.06 9.83
C28 LIW B . -8.84 -6.10 0.45
C29 LIW B . -9.31 -5.85 1.74
C30 LIW B . -10.66 -5.92 2.02
C31 LIW B . -11.57 -6.24 1.01
C32 LIW B . -11.14 -6.50 -0.29
C33 LIW B . -9.73 -6.43 -0.58
C34 LIW B . -9.64 -6.17 -3.18
C35 LIW B . -9.04 -6.47 -4.41
C36 LIW B . -7.90 -7.28 -4.45
C37 LIW B . -7.38 -7.80 -3.27
C38 LIW B . -7.98 -7.52 -2.05
C39 LIW B . -9.12 -6.71 -1.98
H LIW B . -15.36 -3.09 2.26
H2 LIW B . -13.10 -0.79 -0.67
H3 LIW B . -13.92 1.30 0.35
H5 LIW B . -16.19 -0.98 3.28
HN1 LIW B . -14.64 2.75 1.24
H81 LIW B . -11.52 -3.66 0.16
H82 LIW B . -12.08 -2.38 -0.97
H91 LIW B . -11.04 -4.72 -1.71
H92 LIW B . -12.25 -3.82 -2.68
H101 LIW B . -14.51 -6.62 -0.65
H102 LIW B . -15.11 -5.29 -1.71
H111 LIW B . -15.44 -4.42 0.36
H112 LIW B . -14.03 -5.24 1.08
H121 LIW B . -11.66 -7.28 -2.22
H122 LIW B . -12.88 -7.61 -0.95
H13 LIW B . -13.08 4.87 3.07
H16 LIW B . -15.27 4.26 7.52
H17 LIW B . -16.60 3.97 5.42
HN4 LIW B . -11.63 5.14 7.51
H191 LIW B . -14.35 6.27 8.56
H192 LIW B . -14.79 5.35 10.01
H193 LIW B . -13.53 6.61 10.10
H201 LIW B . -14.36 3.25 8.88
H202 LIW B . -13.51 3.22 10.48
H22 LIW B . -10.44 2.77 6.87
H23 LIW B . -10.21 2.26 4.42
H24 LIW B . -11.88 0.79 3.27
H25 LIW B . -13.79 -0.19 4.57
H26 LIW B . -14.03 0.31 7.03
H271 LIW B . -11.68 5.00 10.91
H272 LIW B . -10.83 4.31 9.52
H273 LIW B . -11.20 6.05 9.56
H28 LIW B . -7.78 -6.05 0.25
H29 LIW B . -8.61 -5.60 2.53
H30 LIW B . -11.02 -5.72 3.02
H31 LIW B . -12.63 -6.30 1.24
H34 LIW B . -10.52 -5.54 -3.14
H35 LIW B . -9.45 -6.06 -5.32
H36 LIW B . -7.44 -7.51 -5.40
H37 LIW B . -6.50 -8.43 -3.31
H38 LIW B . -7.58 -7.91 -1.14
#